data_7VLG
#
_entry.id   7VLG
#
_cell.length_a   48.979
_cell.length_b   60.118
_cell.length_c   82.350
_cell.angle_alpha   90.000
_cell.angle_beta   90.000
_cell.angle_gamma   90.000
#
_symmetry.space_group_name_H-M   'P 21 21 21'
#
loop_
_entity.id
_entity.type
_entity.pdbx_description
1 polymer 'Serine protease subunit NS2B'
2 polymer 'NS3 protease'
3 non-polymer 'SULFATE ION'
4 non-polymer 1-[(5~{R},8~{R},15~{S},18~{S})-15,18-bis(4-azanylbutyl)-4,7,14,17,20-pentakis(oxidanylidene)-5-propan-2-yl-3,6,13,16,19-pentazabicyclo[20.3.1]hexacosa-1(25),22(26),23-trien-8-yl]guanidine
5 water water
#
loop_
_entity_poly.entity_id
_entity_poly.type
_entity_poly.pdbx_seq_one_letter_code
_entity_poly.pdbx_strand_id
1 'polypeptide(L)' MTGKSVDMYIERAGDITWEKDAEVTGNSPRLDVALDESGDFSLVEEDGPPMRE A
2 'polypeptide(L)'
;GSGALWDVPAPKEVKKGETTDGVYRVMTRRLLGSTQVGVGVMQEGVFHTMWHVTKGAALRSGEGRLDPYWGDVKQDLVSY
CGPWKLDAAWDGLSEVQLLAVPPGERAKNIQTLPGIFKTKDGDIGAVALDYPAGTSGSPILDKCGRVIGLYGNGVVIKNG
SYVSAITQGKREEETPVE
;
B
#
loop_
_chem_comp.id
_chem_comp.type
_chem_comp.name
_chem_comp.formula
7PZ non-polymer 1-[(5~{R},8~{R},15~{S},18~{S})-15,18-bis(4-azanylbutyl)-4,7,14,17,20-pentakis(oxidanylidene)-5-propan-2-yl-3,6,13,16,19-pentazabicyclo[20.3.1]hexacosa-1(25),22(26),23-trien-8-yl]guanidine 'C33 H56 N10 O5'
SO4 non-polymer 'SULFATE ION' 'O4 S -2'
#
# COMPACT_ATOMS: atom_id res chain seq x y z
N ASP A 7 18.02 -3.31 11.78
CA ASP A 7 16.82 -4.15 11.86
C ASP A 7 15.55 -3.35 11.56
N MET A 8 14.63 -4.03 10.90
CA MET A 8 13.30 -3.51 10.58
C MET A 8 12.28 -4.07 11.54
N TYR A 9 11.38 -3.21 12.00
CA TYR A 9 10.38 -3.65 12.98
C TYR A 9 9.07 -2.94 12.68
N ILE A 10 7.99 -3.48 13.23
CA ILE A 10 6.69 -2.90 12.92
C ILE A 10 6.10 -2.33 14.18
N GLU A 11 5.27 -1.32 14.04
CA GLU A 11 4.57 -0.81 15.21
C GLU A 11 3.18 -0.40 14.82
N ARG A 12 2.22 -0.65 15.70
CA ARG A 12 0.83 -0.46 15.29
C ARG A 12 0.57 1.01 15.10
N ALA A 13 -0.25 1.33 14.09
CA ALA A 13 -0.59 2.70 13.79
C ALA A 13 -2.08 2.98 13.74
N GLY A 14 -2.93 1.96 13.80
CA GLY A 14 -4.34 2.26 13.91
C GLY A 14 -5.19 1.11 13.49
N ASP A 15 -6.50 1.32 13.65
CA ASP A 15 -7.50 0.44 13.13
C ASP A 15 -7.81 0.80 11.69
N ILE A 16 -8.26 -0.19 10.92
CA ILE A 16 -8.57 0.05 9.52
C ILE A 16 -10.07 0.24 9.41
N THR A 17 -10.50 1.47 9.14
CA THR A 17 -11.92 1.80 9.04
C THR A 17 -12.13 2.88 7.98
N TRP A 18 -13.27 2.79 7.30
CA TRP A 18 -13.76 3.89 6.47
C TRP A 18 -14.18 5.06 7.38
N GLU A 19 -13.83 6.29 7.01
CA GLU A 19 -14.21 7.46 7.80
C GLU A 19 -15.30 8.23 7.06
N LYS A 20 -16.41 8.52 7.74
CA LYS A 20 -17.55 9.05 7.01
C LYS A 20 -17.37 10.52 6.62
N ASP A 21 -16.65 11.31 7.41
CA ASP A 21 -16.62 12.74 7.08
C ASP A 21 -15.39 13.09 6.29
N ALA A 22 -14.94 12.21 5.38
CA ALA A 22 -13.59 12.27 4.86
C ALA A 22 -13.42 13.39 3.85
N GLU A 23 -12.25 14.03 3.90
CA GLU A 23 -11.79 14.86 2.79
C GLU A 23 -11.89 14.08 1.48
N VAL A 24 -12.25 14.77 0.39
CA VAL A 24 -12.29 14.17 -0.94
C VAL A 24 -11.47 15.04 -1.88
N THR A 25 -10.57 14.42 -2.64
CA THR A 25 -9.62 15.19 -3.44
C THR A 25 -8.94 14.28 -4.44
N GLY A 26 -8.16 14.88 -5.32
CA GLY A 26 -7.49 14.09 -6.36
C GLY A 26 -8.38 13.89 -7.59
N ASN A 27 -7.74 13.84 -8.75
CA ASN A 27 -8.51 13.62 -9.95
C ASN A 27 -8.47 12.13 -10.27
N SER A 28 -8.91 11.73 -11.47
CA SER A 28 -9.10 10.33 -11.82
C SER A 28 -8.46 10.06 -13.17
N PRO A 29 -7.13 10.19 -13.23
CA PRO A 29 -6.45 10.16 -14.53
C PRO A 29 -6.57 8.78 -15.14
N ARG A 30 -6.58 8.75 -16.46
CA ARG A 30 -6.55 7.50 -17.21
C ARG A 30 -5.24 7.47 -17.97
N LEU A 31 -4.38 6.52 -17.64
CA LEU A 31 -3.02 6.54 -18.13
C LEU A 31 -2.68 5.20 -18.76
N ASP A 32 -2.00 5.25 -19.90
CA ASP A 32 -1.47 4.04 -20.52
C ASP A 32 -0.10 3.76 -19.89
N VAL A 33 0.04 2.59 -19.28
CA VAL A 33 1.27 2.25 -18.58
C VAL A 33 1.71 0.84 -18.94
N ALA A 34 2.98 0.56 -18.68
CA ALA A 34 3.53 -0.77 -18.82
C ALA A 34 4.13 -1.16 -17.48
N LEU A 35 4.05 -2.43 -17.13
CA LEU A 35 4.63 -2.95 -15.89
C LEU A 35 5.75 -3.90 -16.27
N ASP A 36 6.96 -3.64 -15.83
CA ASP A 36 8.03 -4.53 -16.27
C ASP A 36 8.34 -5.57 -15.20
N GLU A 37 9.31 -6.43 -15.51
CA GLU A 37 9.50 -7.60 -14.66
C GLU A 37 10.06 -7.22 -13.30
N SER A 38 10.63 -6.02 -13.17
CA SER A 38 11.10 -5.48 -11.89
C SER A 38 10.00 -4.83 -11.06
N GLY A 39 8.76 -4.83 -11.53
CA GLY A 39 7.70 -4.20 -10.78
C GLY A 39 7.66 -2.70 -10.95
N ASP A 40 8.29 -2.16 -11.99
CA ASP A 40 8.21 -0.72 -12.23
C ASP A 40 7.11 -0.46 -13.24
N PHE A 41 6.22 0.48 -12.94
CA PHE A 41 5.28 0.99 -13.93
C PHE A 41 5.95 2.13 -14.68
N SER A 42 5.69 2.21 -15.98
N SER A 42 5.70 2.20 -15.98
CA SER A 42 6.21 3.32 -16.75
CA SER A 42 6.20 3.30 -16.79
C SER A 42 5.10 3.83 -17.65
C SER A 42 5.08 3.84 -17.65
N LEU A 43 5.08 5.14 -17.83
CA LEU A 43 4.14 5.74 -18.77
C LEU A 43 4.56 5.37 -20.20
N VAL A 44 3.60 4.98 -21.01
CA VAL A 44 3.86 4.64 -22.40
C VAL A 44 3.60 5.81 -23.34
N GLU B 18 3.57 -10.60 18.21
CA GLU B 18 2.17 -10.14 18.24
C GLU B 18 1.61 -9.73 16.85
N THR B 19 0.40 -10.20 16.56
CA THR B 19 -0.19 -10.06 15.23
C THR B 19 -1.63 -9.53 15.32
N THR B 20 -1.84 -8.43 16.05
CA THR B 20 -3.20 -7.91 16.14
C THR B 20 -3.58 -7.16 14.86
N ASP B 21 -4.76 -7.46 14.31
CA ASP B 21 -5.21 -6.80 13.08
C ASP B 21 -5.10 -5.29 13.20
N GLY B 22 -4.73 -4.65 12.09
CA GLY B 22 -4.64 -3.20 12.02
C GLY B 22 -3.62 -2.78 10.99
N VAL B 23 -3.34 -1.49 10.98
CA VAL B 23 -2.33 -0.91 10.10
C VAL B 23 -1.10 -0.58 10.95
N TYR B 24 0.09 -0.80 10.39
CA TYR B 24 1.35 -0.70 11.12
C TYR B 24 2.33 0.14 10.31
N ARG B 25 3.16 0.94 10.97
CA ARG B 25 4.38 1.46 10.33
C ARG B 25 5.47 0.41 10.29
N VAL B 26 6.27 0.42 9.22
CA VAL B 26 7.50 -0.36 9.11
C VAL B 26 8.65 0.58 9.34
N MET B 27 9.48 0.28 10.34
CA MET B 27 10.55 1.17 10.80
C MET B 27 11.85 0.44 10.64
N THR B 28 12.92 1.19 10.50
CA THR B 28 14.28 0.69 10.57
C THR B 28 14.99 1.51 11.60
N ARG B 29 15.68 0.84 12.50
CA ARG B 29 16.49 1.48 13.53
C ARG B 29 17.87 1.58 12.94
N ARG B 30 18.32 2.81 12.66
CA ARG B 30 19.56 3.04 11.93
C ARG B 30 20.35 4.15 12.61
N LEU B 31 21.65 3.92 12.81
CA LEU B 31 22.51 4.96 13.37
C LEU B 31 22.05 5.42 14.77
N LEU B 32 21.13 6.38 14.82
CA LEU B 32 20.55 6.84 16.07
C LEU B 32 19.08 6.41 16.06
N GLY B 33 18.14 7.33 15.81
CA GLY B 33 16.72 6.99 15.87
C GLY B 33 16.19 6.09 14.78
N SER B 34 14.88 6.07 14.63
CA SER B 34 14.23 5.23 13.64
C SER B 34 13.79 6.04 12.44
N THR B 35 13.58 5.35 11.32
CA THR B 35 13.08 5.93 10.08
C THR B 35 11.93 5.08 9.61
N GLN B 36 10.82 5.70 9.23
CA GLN B 36 9.72 4.92 8.72
C GLN B 36 9.98 4.64 7.24
N VAL B 37 10.10 3.37 6.87
CA VAL B 37 10.33 3.03 5.46
C VAL B 37 9.04 2.61 4.77
N GLY B 38 7.98 2.36 5.51
CA GLY B 38 6.75 1.95 4.85
C GLY B 38 5.66 1.67 5.88
N VAL B 39 4.68 0.88 5.44
CA VAL B 39 3.39 0.70 6.11
C VAL B 39 2.90 -0.68 5.68
N GLY B 40 2.11 -1.33 6.53
CA GLY B 40 1.55 -2.61 6.12
C GLY B 40 0.29 -2.92 6.92
N VAL B 41 -0.34 -4.02 6.56
CA VAL B 41 -1.65 -4.42 7.09
C VAL B 41 -1.50 -5.79 7.70
N MET B 42 -1.91 -5.92 8.95
CA MET B 42 -2.01 -7.20 9.63
C MET B 42 -3.44 -7.68 9.48
N GLN B 43 -3.62 -8.85 8.87
CA GLN B 43 -4.97 -9.40 8.77
C GLN B 43 -4.89 -10.92 8.76
N GLU B 44 -5.77 -11.55 9.51
CA GLU B 44 -5.83 -13.02 9.64
C GLU B 44 -4.44 -13.62 9.97
N GLY B 45 -3.70 -12.91 10.82
CA GLY B 45 -2.39 -13.33 11.27
C GLY B 45 -1.29 -13.18 10.26
N VAL B 46 -1.53 -12.49 9.15
CA VAL B 46 -0.53 -12.33 8.11
C VAL B 46 -0.23 -10.85 7.96
N PHE B 47 1.05 -10.50 7.80
CA PHE B 47 1.39 -9.10 7.54
C PHE B 47 1.62 -8.90 6.04
N HIS B 48 1.04 -7.82 5.52
CA HIS B 48 1.00 -7.52 4.10
C HIS B 48 1.68 -6.18 3.86
N THR B 49 2.67 -6.15 2.96
CA THR B 49 3.27 -4.86 2.62
C THR B 49 3.84 -4.92 1.20
N MET B 50 4.46 -3.83 0.77
CA MET B 50 5.01 -3.79 -0.58
C MET B 50 6.44 -4.28 -0.54
N TRP B 51 6.84 -4.98 -1.62
CA TRP B 51 8.19 -5.54 -1.60
C TRP B 51 9.22 -4.43 -1.44
N HIS B 52 9.02 -3.29 -2.11
CA HIS B 52 10.09 -2.29 -2.04
C HIS B 52 10.25 -1.68 -0.64
N VAL B 53 9.31 -1.93 0.26
CA VAL B 53 9.45 -1.43 1.63
C VAL B 53 10.49 -2.25 2.39
N THR B 54 10.37 -3.59 2.35
CA THR B 54 11.25 -4.47 3.16
C THR B 54 12.29 -5.15 2.35
N LYS B 55 12.21 -5.06 1.03
CA LYS B 55 13.06 -5.86 0.14
C LYS B 55 12.92 -7.35 0.43
N GLY B 56 11.80 -7.74 1.01
CA GLY B 56 11.56 -9.14 1.28
C GLY B 56 12.29 -9.71 2.49
N ALA B 57 12.83 -8.86 3.37
CA ALA B 57 13.60 -9.29 4.54
C ALA B 57 12.67 -9.44 5.76
N ALA B 58 13.15 -10.13 6.78
CA ALA B 58 12.37 -10.44 7.96
C ALA B 58 12.06 -9.16 8.75
N LEU B 59 11.03 -9.25 9.60
CA LEU B 59 10.58 -8.14 10.43
C LEU B 59 10.51 -8.57 11.88
N ARG B 60 10.75 -7.60 12.77
CA ARG B 60 10.56 -7.79 14.19
C ARG B 60 9.20 -7.20 14.58
N SER B 61 8.53 -7.87 15.51
CA SER B 61 7.24 -7.39 16.00
C SER B 61 7.30 -7.59 17.50
N GLY B 62 7.62 -6.52 18.23
CA GLY B 62 7.84 -6.65 19.66
C GLY B 62 9.05 -7.52 19.94
N GLU B 63 8.83 -8.67 20.61
CA GLU B 63 9.87 -9.66 20.78
C GLU B 63 9.84 -10.78 19.73
N GLY B 64 8.92 -10.73 18.74
CA GLY B 64 8.71 -11.84 17.81
C GLY B 64 9.15 -11.52 16.39
N ARG B 65 9.61 -12.56 15.69
CA ARG B 65 10.16 -12.39 14.36
C ARG B 65 9.15 -12.85 13.32
N LEU B 66 8.89 -12.02 12.31
CA LEU B 66 7.96 -12.35 11.23
C LEU B 66 8.75 -12.76 10.00
N ASP B 67 8.53 -13.95 9.52
CA ASP B 67 9.33 -14.43 8.38
C ASP B 67 8.55 -14.29 7.07
N PRO B 68 9.20 -13.84 6.00
CA PRO B 68 8.51 -13.78 4.69
C PRO B 68 7.97 -15.14 4.28
N TYR B 69 6.74 -15.14 3.73
CA TYR B 69 6.07 -16.37 3.33
C TYR B 69 5.84 -16.40 1.82
N TRP B 70 5.25 -15.34 1.23
CA TRP B 70 4.94 -15.28 -0.21
C TRP B 70 5.36 -13.91 -0.68
N GLY B 71 5.68 -13.76 -1.95
CA GLY B 71 6.05 -12.42 -2.43
C GLY B 71 6.30 -12.46 -3.93
N ASP B 72 6.30 -11.27 -4.52
CA ASP B 72 6.51 -11.21 -5.98
C ASP B 72 7.03 -9.83 -6.31
N VAL B 73 8.25 -9.75 -6.86
CA VAL B 73 8.82 -8.44 -7.12
C VAL B 73 8.02 -7.70 -8.18
N LYS B 74 7.51 -8.41 -9.17
CA LYS B 74 6.74 -7.75 -10.24
C LYS B 74 5.43 -7.13 -9.70
N GLN B 75 4.69 -7.86 -8.86
CA GLN B 75 3.54 -7.23 -8.20
C GLN B 75 3.95 -6.21 -7.14
N ASP B 76 5.20 -6.29 -6.65
CA ASP B 76 5.72 -5.42 -5.60
C ASP B 76 4.99 -5.67 -4.28
N LEU B 77 4.76 -6.94 -3.95
CA LEU B 77 4.07 -7.30 -2.71
C LEU B 77 4.85 -8.38 -1.95
N VAL B 78 4.60 -8.45 -0.65
CA VAL B 78 5.15 -9.54 0.15
C VAL B 78 4.21 -9.79 1.33
N SER B 79 4.02 -11.06 1.68
CA SER B 79 3.26 -11.36 2.88
C SER B 79 4.14 -12.15 3.83
N TYR B 80 3.83 -11.99 5.11
CA TYR B 80 4.60 -12.54 6.20
C TYR B 80 3.71 -13.46 7.02
N CYS B 81 4.23 -14.64 7.36
CA CYS B 81 3.66 -15.57 8.32
C CYS B 81 2.63 -16.48 7.63
N GLY B 82 2.23 -16.20 6.40
CA GLY B 82 1.23 -16.98 5.72
C GLY B 82 0.95 -16.36 4.37
N PRO B 83 0.05 -16.97 3.59
CA PRO B 83 -0.23 -16.45 2.26
C PRO B 83 -1.04 -15.16 2.31
N TRP B 84 -1.00 -14.45 1.21
CA TRP B 84 -1.71 -13.19 1.06
C TRP B 84 -3.21 -13.39 1.36
N LYS B 85 -3.73 -12.63 2.30
CA LYS B 85 -5.13 -12.82 2.71
C LYS B 85 -6.07 -11.77 2.16
N LEU B 86 -5.57 -10.67 1.60
CA LEU B 86 -6.45 -9.56 1.20
C LEU B 86 -7.03 -9.88 -0.16
N ASP B 87 -8.33 -10.08 -0.22
CA ASP B 87 -8.94 -10.53 -1.48
C ASP B 87 -9.98 -9.59 -2.05
N ALA B 88 -10.30 -8.47 -1.40
CA ALA B 88 -11.37 -7.61 -1.90
C ALA B 88 -10.83 -6.78 -3.04
N ALA B 89 -11.72 -6.44 -4.00
CA ALA B 89 -11.26 -5.71 -5.17
C ALA B 89 -12.06 -4.42 -5.33
N TRP B 90 -11.40 -3.43 -5.92
CA TRP B 90 -12.15 -2.23 -6.32
C TRP B 90 -13.33 -2.60 -7.22
N ASP B 91 -14.47 -1.92 -7.05
CA ASP B 91 -15.60 -2.31 -7.88
C ASP B 91 -15.60 -1.62 -9.24
N GLY B 92 -14.58 -0.84 -9.54
CA GLY B 92 -14.43 -0.11 -10.77
C GLY B 92 -15.26 1.15 -10.89
N LEU B 93 -16.03 1.54 -9.87
CA LEU B 93 -16.72 2.80 -10.07
C LEU B 93 -16.98 3.59 -8.81
N SER B 94 -16.80 2.98 -7.63
CA SER B 94 -17.02 3.63 -6.35
C SER B 94 -15.79 4.41 -5.91
N GLU B 95 -16.04 5.47 -5.14
CA GLU B 95 -14.93 6.14 -4.46
C GLU B 95 -14.28 5.19 -3.44
N VAL B 96 -13.00 5.44 -3.13
CA VAL B 96 -12.25 4.62 -2.19
C VAL B 96 -11.60 5.58 -1.19
N GLN B 97 -11.03 5.02 -0.12
CA GLN B 97 -10.25 5.82 0.81
C GLN B 97 -8.84 5.26 0.93
N LEU B 98 -7.87 6.14 0.88
CA LEU B 98 -6.50 5.80 1.27
C LEU B 98 -6.40 6.07 2.76
N LEU B 99 -6.02 5.07 3.53
CA LEU B 99 -5.73 5.30 4.94
C LEU B 99 -4.23 5.60 5.01
N ALA B 100 -3.90 6.86 4.76
CA ALA B 100 -2.49 7.23 4.62
C ALA B 100 -1.83 7.24 6.01
N VAL B 101 -0.66 6.61 6.09
CA VAL B 101 0.05 6.60 7.37
C VAL B 101 1.42 7.19 7.01
N PRO B 102 1.56 8.52 6.91
CA PRO B 102 2.86 9.13 6.50
C PRO B 102 3.86 9.12 7.63
N PRO B 103 5.17 9.13 7.33
CA PRO B 103 6.19 9.22 8.38
C PRO B 103 5.93 10.43 9.26
N GLY B 104 6.00 10.21 10.56
CA GLY B 104 5.92 11.35 11.44
C GLY B 104 4.57 12.00 11.54
N GLU B 105 3.53 11.41 10.95
CA GLU B 105 2.20 11.99 10.94
C GLU B 105 1.14 10.95 11.33
N ARG B 106 0.02 11.42 11.89
CA ARG B 106 -1.04 10.51 12.28
C ARG B 106 -1.71 9.89 11.06
N ALA B 107 -2.13 8.64 11.23
CA ALA B 107 -2.93 7.98 10.21
C ALA B 107 -4.19 8.79 9.89
N LYS B 108 -4.54 8.91 8.62
CA LYS B 108 -5.66 9.76 8.22
C LYS B 108 -6.31 9.19 6.96
N ASN B 109 -7.60 9.44 6.80
CA ASN B 109 -8.31 8.90 5.65
C ASN B 109 -8.51 9.96 4.60
N ILE B 110 -8.26 9.62 3.34
CA ILE B 110 -8.43 10.54 2.21
C ILE B 110 -9.29 9.82 1.17
N GLN B 111 -10.45 10.40 0.87
CA GLN B 111 -11.34 9.81 -0.12
C GLN B 111 -11.04 10.34 -1.52
N THR B 112 -11.21 9.47 -2.52
CA THR B 112 -10.90 9.83 -3.89
C THR B 112 -11.63 8.88 -4.85
N LEU B 113 -11.89 9.38 -6.04
CA LEU B 113 -12.35 8.51 -7.12
C LEU B 113 -11.14 8.06 -7.93
N PRO B 114 -10.85 6.77 -7.98
CA PRO B 114 -9.67 6.31 -8.74
C PRO B 114 -9.76 6.62 -10.22
N GLY B 115 -8.60 6.92 -10.80
CA GLY B 115 -8.39 6.80 -12.22
C GLY B 115 -8.04 5.37 -12.59
N ILE B 116 -7.35 5.22 -13.73
CA ILE B 116 -7.11 3.90 -14.29
C ILE B 116 -5.71 3.85 -14.91
N PHE B 117 -4.94 2.83 -14.54
CA PHE B 117 -3.78 2.44 -15.34
C PHE B 117 -4.25 1.48 -16.42
N LYS B 118 -4.14 1.88 -17.72
CA LYS B 118 -4.47 0.99 -18.83
C LYS B 118 -3.21 0.21 -19.21
N THR B 119 -3.24 -1.11 -19.07
CA THR B 119 -2.10 -1.91 -19.47
C THR B 119 -2.49 -2.89 -20.55
N LYS B 120 -1.49 -3.47 -21.19
CA LYS B 120 -1.80 -4.43 -22.23
C LYS B 120 -2.61 -5.60 -21.70
N ASP B 121 -2.59 -5.82 -20.39
CA ASP B 121 -3.22 -6.96 -19.75
C ASP B 121 -4.46 -6.59 -18.95
N GLY B 122 -5.02 -5.41 -19.16
CA GLY B 122 -6.21 -4.99 -18.48
C GLY B 122 -5.97 -3.76 -17.61
N ASP B 123 -7.05 -3.29 -17.01
CA ASP B 123 -7.06 -2.03 -16.31
C ASP B 123 -6.83 -2.25 -14.83
N ILE B 124 -6.10 -1.31 -14.23
CA ILE B 124 -5.89 -1.28 -12.80
C ILE B 124 -6.40 0.05 -12.28
N GLY B 125 -7.21 -0.01 -11.23
CA GLY B 125 -7.51 1.18 -10.48
C GLY B 125 -6.27 1.90 -10.02
N ALA B 126 -6.33 3.22 -9.95
CA ALA B 126 -5.14 3.99 -9.60
C ALA B 126 -5.59 5.25 -8.87
N VAL B 127 -4.82 5.73 -7.87
CA VAL B 127 -5.26 6.89 -7.08
C VAL B 127 -4.23 8.01 -7.21
N ALA B 128 -4.73 9.21 -7.47
CA ALA B 128 -3.86 10.38 -7.68
C ALA B 128 -3.74 11.15 -6.37
N LEU B 129 -2.95 10.59 -5.48
CA LEU B 129 -2.71 11.10 -4.12
C LEU B 129 -1.21 10.99 -3.88
N ASP B 130 -0.60 12.04 -3.31
CA ASP B 130 0.86 12.16 -3.24
C ASP B 130 1.31 12.26 -1.78
N TYR B 131 2.09 11.30 -1.32
CA TYR B 131 2.63 11.20 0.03
C TYR B 131 4.10 10.80 -0.04
N PRO B 132 4.85 11.02 1.03
CA PRO B 132 6.26 10.61 1.07
C PRO B 132 6.43 9.12 0.84
N ALA B 133 7.65 8.75 0.38
CA ALA B 133 7.99 7.36 0.09
C ALA B 133 7.67 6.44 1.25
N GLY B 134 7.88 6.89 2.50
CA GLY B 134 7.62 5.97 3.62
C GLY B 134 6.15 5.71 3.91
N THR B 135 5.26 6.30 3.13
CA THR B 135 3.83 6.02 3.19
C THR B 135 3.48 4.76 2.39
N SER B 136 4.42 4.27 1.60
CA SER B 136 4.23 3.04 0.82
C SER B 136 3.71 1.89 1.67
N GLY B 137 2.73 1.16 1.12
CA GLY B 137 2.11 0.07 1.88
C GLY B 137 0.81 0.48 2.62
N SER B 138 0.50 1.79 2.64
CA SER B 138 -0.75 2.25 3.23
C SER B 138 -1.94 1.59 2.52
N PRO B 139 -2.93 1.12 3.23
CA PRO B 139 -4.03 0.40 2.57
C PRO B 139 -5.04 1.35 1.94
N ILE B 140 -5.62 0.89 0.83
CA ILE B 140 -6.73 1.58 0.18
C ILE B 140 -7.97 0.74 0.48
N LEU B 141 -9.07 1.41 0.82
CA LEU B 141 -10.25 0.78 1.36
C LEU B 141 -11.49 1.04 0.53
N ASP B 142 -12.38 0.04 0.49
CA ASP B 142 -13.75 0.22 0.00
C ASP B 142 -14.65 0.61 1.17
N LYS B 143 -15.92 0.87 0.88
CA LYS B 143 -16.78 1.52 1.84
C LYS B 143 -17.17 0.56 2.96
N CYS B 144 -16.96 -0.73 2.76
CA CYS B 144 -17.10 -1.72 3.81
C CYS B 144 -15.86 -1.79 4.72
N GLY B 145 -14.88 -0.92 4.47
CA GLY B 145 -13.60 -1.01 5.16
C GLY B 145 -12.71 -2.18 4.76
N ARG B 146 -13.00 -2.90 3.68
CA ARG B 146 -12.11 -3.97 3.21
C ARG B 146 -10.91 -3.37 2.52
N VAL B 147 -9.74 -4.00 2.67
CA VAL B 147 -8.55 -3.47 2.00
C VAL B 147 -8.57 -3.98 0.56
N ILE B 148 -8.65 -3.06 -0.39
CA ILE B 148 -8.71 -3.45 -1.80
C ILE B 148 -7.35 -3.31 -2.48
N GLY B 149 -6.33 -2.89 -1.75
CA GLY B 149 -4.99 -2.88 -2.28
C GLY B 149 -4.11 -1.97 -1.45
N LEU B 150 -2.84 -1.96 -1.79
CA LEU B 150 -1.89 -1.13 -1.08
C LEU B 150 -1.37 -0.03 -2.00
N TYR B 151 -1.04 1.09 -1.37
CA TYR B 151 -0.61 2.30 -2.05
C TYR B 151 0.91 2.29 -2.23
N GLY B 152 1.37 2.75 -3.38
CA GLY B 152 2.78 3.15 -3.39
C GLY B 152 3.58 2.65 -4.60
N ASN B 153 3.01 1.83 -5.48
CA ASN B 153 3.70 1.51 -6.74
C ASN B 153 3.01 2.27 -7.88
N GLY B 154 3.71 3.24 -8.47
CA GLY B 154 3.02 4.18 -9.31
C GLY B 154 3.90 4.80 -10.37
N VAL B 155 3.48 5.99 -10.84
CA VAL B 155 4.18 6.73 -11.87
C VAL B 155 4.12 8.21 -11.54
N VAL B 156 5.07 8.97 -12.09
CA VAL B 156 5.08 10.40 -11.92
C VAL B 156 4.66 10.96 -13.26
N ILE B 157 3.60 11.77 -13.28
CA ILE B 157 3.13 12.31 -14.56
C ILE B 157 3.83 13.64 -14.80
N LYS B 158 3.48 14.30 -15.91
CA LYS B 158 4.29 15.36 -16.49
C LYS B 158 4.50 16.52 -15.52
N ASN B 159 3.48 16.83 -14.71
CA ASN B 159 3.61 18.01 -13.88
C ASN B 159 4.30 17.70 -12.54
N GLY B 160 4.78 16.46 -12.36
CA GLY B 160 5.47 16.04 -11.15
C GLY B 160 4.57 15.42 -10.10
N SER B 161 3.24 15.45 -10.29
CA SER B 161 2.41 14.80 -9.29
C SER B 161 2.41 13.29 -9.52
N TYR B 162 1.73 12.56 -8.65
CA TYR B 162 1.94 11.12 -8.56
C TYR B 162 0.62 10.39 -8.74
N VAL B 163 0.66 9.19 -9.31
CA VAL B 163 -0.50 8.31 -9.39
C VAL B 163 -0.03 6.92 -9.00
N SER B 164 -0.69 6.36 -8.00
CA SER B 164 -0.39 5.03 -7.48
C SER B 164 -1.38 4.00 -8.01
N ALA B 165 -0.89 2.83 -8.43
CA ALA B 165 -1.79 1.70 -8.64
C ALA B 165 -2.45 1.33 -7.31
N ILE B 166 -3.68 0.81 -7.40
CA ILE B 166 -4.28 0.10 -6.27
C ILE B 166 -3.76 -1.33 -6.41
N THR B 167 -2.68 -1.65 -5.67
CA THR B 167 -2.03 -2.94 -5.86
C THR B 167 -2.63 -3.99 -4.93
N GLN B 168 -3.18 -5.05 -5.50
CA GLN B 168 -3.81 -6.11 -4.69
C GLN B 168 -3.19 -7.44 -5.05
N GLY B 169 -3.02 -8.33 -4.05
CA GLY B 169 -2.47 -9.64 -4.32
C GLY B 169 -3.55 -10.60 -4.83
N LYS B 170 -3.15 -11.77 -5.26
CA LYS B 170 -4.11 -12.87 -5.46
C LYS B 170 -4.25 -13.68 -4.16
N ARG B 171 -5.45 -13.70 -3.56
CA ARG B 171 -5.63 -14.47 -2.33
C ARG B 171 -5.47 -15.98 -2.58
S SO4 C . 11.51 -6.57 -18.49
O1 SO4 C . 11.86 -5.54 -19.47
O2 SO4 C . 12.14 -7.83 -18.89
O3 SO4 C . 10.06 -6.71 -18.47
O4 SO4 C . 12.03 -6.21 -17.17
C10 7PZ D . 5.83 13.75 -1.13
C20 7PZ D . 5.95 8.14 -3.43
C21 7PZ D . 4.87 7.17 -2.85
C22 7PZ D . 5.55 5.89 -2.33
C24 7PZ D . 7.39 5.06 -3.83
C26 7PZ D . 7.73 4.24 -5.05
C28 7PZ D . 7.06 5.40 -7.21
C01 7PZ D . 10.57 13.21 -7.30
C02 7PZ D . 10.50 12.58 -6.09
C03 7PZ D . 10.53 13.43 -4.75
C05 7PZ D . 9.23 12.79 -2.71
C07 7PZ D . 7.82 12.60 -2.18
C08 7PZ D . 7.29 13.89 -1.60
C09 7PZ D . 7.25 14.99 -2.64
C12 7PZ D . 7.21 10.79 -3.79
C14 7PZ D . 6.20 10.20 -4.82
C16 7PZ D . 6.02 12.10 -6.43
C19 7PZ D . 5.18 9.32 -4.12
C30 7PZ D . 7.43 6.49 -8.22
C32 7PZ D . 8.81 8.48 -7.51
C33 7PZ D . 10.25 8.98 -7.25
C34 7PZ D . 10.36 10.49 -7.26
C35 7PZ D . 10.36 11.20 -6.04
C36 7PZ D . 10.48 11.12 -8.47
C37 7PZ D . 10.60 12.49 -8.49
C39 7PZ D . 7.23 6.11 -9.69
C40 7PZ D . 8.35 5.19 -10.05
C41 7PZ D . 8.35 5.33 -11.63
C42 7PZ D . 9.09 4.17 -12.31
C44 7PZ D . 8.99 3.38 -4.74
C45 7PZ D . 9.37 2.61 -6.04
C46 7PZ D . 8.38 1.50 -6.47
C47 7PZ D . 9.03 0.90 -7.73
N04 7PZ D . 9.25 13.25 -4.08
N11 7PZ D . 6.94 12.08 -3.20
N15 7PZ D . 5.44 11.31 -5.37
N17 7PZ D . 7.14 11.82 -6.99
N18 7PZ D . 5.23 13.23 -6.74
N23 7PZ D . 6.01 5.10 -3.50
N27 7PZ D . 7.97 5.20 -6.11
N31 7PZ D . 8.74 7.10 -7.98
N43 7PZ D . 9.12 4.43 -13.82
N48 7PZ D . 8.40 -0.37 -8.12
O06 7PZ D . 10.23 12.57 -2.09
O13 7PZ D . 8.22 10.21 -3.45
O25 7PZ D . 8.15 5.68 -3.15
O29 7PZ D . 6.06 4.77 -7.29
O38 7PZ D . 7.83 9.11 -7.29
H101 7PZ D . 5.73 12.93 -0.62
H103 7PZ D . 5.24 13.74 -1.90
H102 7PZ D . 5.59 14.51 -0.57
H202 7PZ D . 6.52 8.48 -2.71
H201 7PZ D . 6.51 7.68 -4.08
H211 7PZ D . 4.23 6.95 -3.54
H212 7PZ D . 4.41 7.61 -2.12
H222 7PZ D . 6.31 6.11 -1.78
H221 7PZ D . 4.91 5.36 -1.82
H261 7PZ D . 7.03 3.63 -5.32
H011 7PZ D . 10.60 14.14 -7.33
H031 7PZ D . 10.67 14.36 -4.96
H032 7PZ D . 11.25 13.12 -4.19
H071 7PZ D . 7.85 11.95 -1.45
H081 7PZ D . 7.88 14.10 -0.86
H093 7PZ D . 6.80 14.67 -3.44
H091 7PZ D . 8.16 15.25 -2.85
H092 7PZ D . 6.76 15.75 -2.29
H141 7PZ D . 6.68 9.70 -5.49
H192 7PZ D . 4.55 8.97 -4.75
H191 7PZ D . 4.71 9.84 -3.44
H332 7PZ D . 10.55 8.66 -6.39
H331 7PZ D . 10.83 8.63 -7.94
H351 7PZ D . 10.27 10.75 -5.23
H361 7PZ D . 10.49 10.63 -9.26
H371 7PZ D . 10.68 12.94 -9.30
H391 7PZ D . 6.37 5.66 -9.81
H392 7PZ D . 7.25 6.90 -10.25
H401 7PZ D . 9.20 5.48 -9.67
H402 7PZ D . 8.18 4.28 -9.77
H411 7PZ D . 7.43 5.35 -11.93
H412 7PZ D . 8.78 6.17 -11.86
H422 7PZ D . 10.00 4.13 -11.98
H421 7PZ D . 8.64 3.34 -12.13
H441 7PZ D . 9.73 3.95 -4.47
H442 7PZ D . 8.79 2.75 -4.04
H452 7PZ D . 9.42 3.26 -6.77
H451 7PZ D . 10.24 2.21 -5.91
H462 7PZ D . 8.30 0.83 -5.76
H461 7PZ D . 7.50 1.87 -6.66
H472 7PZ D . 8.93 1.53 -8.46
H471 7PZ D . 9.96 0.74 -7.55
H041 7PZ D . 8.52 13.42 -4.50
H111 7PZ D . 6.26 12.53 -3.46
H151 7PZ D . 4.65 11.50 -5.07
H171 7PZ D . 7.51 12.34 -7.60
H181 7PZ D . 5.47 13.73 -7.41
H231 7PZ D . 5.44 4.67 -3.97
H271 7PZ D . 8.69 5.67 -6.10
H311 7PZ D . 9.47 6.65 -8.10
H432 7PZ D . 9.74 3.92 -14.19
H432 7PZ D . 9.31 5.29 -13.98
H482 7PZ D . 7.78 -0.59 -7.51
H482 7PZ D . 8.01 -0.27 -8.92
#